data_9DDS
#
_entry.id   9DDS
#
_cell.length_a   39.268
_cell.length_b   94.349
_cell.length_c   102.796
_cell.angle_alpha   90.00
_cell.angle_beta   90.00
_cell.angle_gamma   90.00
#
_symmetry.space_group_name_H-M   'P 21 21 21'
#
loop_
_entity.id
_entity.type
_entity.pdbx_description
1 polymer 'Alpha- and gamma-adaptin-binding protein p34'
2 water water
#
_entity_poly.entity_id   1
_entity_poly.type   'polypeptide(L)'
_entity_poly.pdbx_seq_one_letter_code
;MAAGVPCALVTSCSSVFSGDQLVQHILGTEDLIVEVTSNDAVRFYPWTIDNKYYSADINLCVVPNKFLVTAEIAESVQAF
VVYFDSTQKSGLDSVSSWLPLAKAWLPEVMILVCDRVSEDGINRQKAQEWCIKHGFELVELSPKELPEEDDDFPESTGVK
RIVQALNANVWSNVVMK
;
_entity_poly.pdbx_strand_id   A,B
#
# COMPACT_ATOMS: atom_id res chain seq x y z
N ALA A 3 -10.53 -24.71 -6.89
CA ALA A 3 -11.11 -23.71 -7.79
C ALA A 3 -10.02 -23.18 -8.70
N GLY A 4 -10.42 -22.27 -9.55
CA GLY A 4 -9.45 -21.69 -10.45
C GLY A 4 -8.79 -20.49 -9.82
N VAL A 5 -8.05 -19.81 -10.64
CA VAL A 5 -7.30 -18.66 -10.13
C VAL A 5 -8.26 -17.47 -9.90
N PRO A 6 -7.91 -16.48 -9.05
CA PRO A 6 -8.79 -15.31 -8.84
C PRO A 6 -8.99 -14.51 -10.11
N CYS A 7 -10.16 -13.86 -10.21
CA CYS A 7 -10.40 -12.77 -11.13
C CYS A 7 -10.22 -11.38 -10.47
N ALA A 8 -9.62 -10.51 -11.30
CA ALA A 8 -9.83 -9.06 -11.14
C ALA A 8 -10.85 -8.78 -12.31
N LEU A 9 -12.10 -8.55 -11.96
CA LEU A 9 -13.11 -8.30 -12.98
C LEU A 9 -12.96 -6.87 -13.49
N VAL A 10 -12.78 -6.73 -14.80
CA VAL A 10 -12.59 -5.44 -15.46
C VAL A 10 -13.78 -5.20 -16.39
N THR A 11 -14.38 -4.03 -16.31
CA THR A 11 -15.54 -3.77 -17.16
C THR A 11 -15.64 -2.28 -17.40
N SER A 12 -16.52 -1.91 -18.32
CA SER A 12 -16.69 -0.51 -18.69
C SER A 12 -18.17 -0.21 -18.85
N CYS A 13 -18.58 0.96 -18.35
CA CYS A 13 -19.96 1.40 -18.45
C CYS A 13 -20.18 2.35 -19.61
N SER A 14 -19.18 2.45 -20.48
CA SER A 14 -19.18 3.29 -21.67
C SER A 14 -19.06 2.42 -22.90
N SER A 15 -19.85 2.73 -23.92
CA SER A 15 -19.77 1.95 -25.16
C SER A 15 -18.59 2.34 -26.03
N VAL A 16 -17.79 3.33 -25.64
CA VAL A 16 -16.72 3.83 -26.48
C VAL A 16 -15.34 3.65 -25.83
N PHE A 17 -15.25 2.88 -24.76
CA PHE A 17 -14.00 2.40 -24.18
C PHE A 17 -14.33 1.08 -23.50
N SER A 18 -13.62 0.02 -23.87
CA SER A 18 -13.95 -1.31 -23.40
C SER A 18 -13.05 -1.74 -22.25
N GLY A 19 -13.54 -2.72 -21.48
CA GLY A 19 -12.68 -3.36 -20.50
C GLY A 19 -11.43 -3.95 -21.12
N ASP A 20 -11.53 -4.43 -22.36
CA ASP A 20 -10.35 -4.98 -23.01
C ASP A 20 -9.28 -3.90 -23.21
N GLN A 21 -9.69 -2.69 -23.55
CA GLN A 21 -8.70 -1.64 -23.75
C GLN A 21 -8.03 -1.28 -22.43
N LEU A 22 -8.81 -1.24 -21.36
CA LEU A 22 -8.25 -0.99 -20.05
C LEU A 22 -7.27 -2.10 -19.66
N VAL A 23 -7.59 -3.36 -19.99
CA VAL A 23 -6.67 -4.46 -19.72
C VAL A 23 -5.36 -4.24 -20.50
N GLN A 24 -5.47 -3.75 -21.74
CA GLN A 24 -4.26 -3.47 -22.52
C GLN A 24 -3.39 -2.41 -21.83
N HIS A 25 -4.00 -1.34 -21.31
CA HIS A 25 -3.19 -0.37 -20.57
C HIS A 25 -2.56 -0.97 -19.32
N ILE A 26 -3.31 -1.77 -18.55
CA ILE A 26 -2.76 -2.38 -17.33
C ILE A 26 -1.59 -3.29 -17.67
N LEU A 27 -1.77 -4.21 -18.59
CA LEU A 27 -0.70 -5.17 -18.94
C LEU A 27 0.44 -4.42 -19.64
N GLY A 28 0.14 -3.26 -20.19
CA GLY A 28 1.16 -2.44 -20.85
C GLY A 28 2.21 -1.93 -19.88
N THR A 29 1.86 -1.83 -18.61
CA THR A 29 2.82 -1.38 -17.58
C THR A 29 4.05 -2.30 -17.58
N GLU A 30 3.88 -3.56 -17.94
CA GLU A 30 5.05 -4.46 -18.08
C GLU A 30 5.38 -4.80 -19.55
N ASP A 31 4.99 -3.91 -20.47
CA ASP A 31 5.30 -4.12 -21.91
C ASP A 31 4.75 -5.44 -22.42
N LEU A 32 3.60 -5.88 -21.91
CA LEU A 32 2.94 -7.10 -22.43
C LEU A 32 1.93 -6.63 -23.48
N ILE A 33 2.01 -7.13 -24.71
CA ILE A 33 1.07 -6.73 -25.79
C ILE A 33 -0.02 -7.77 -25.86
N VAL A 34 -1.26 -7.31 -25.92
CA VAL A 34 -2.40 -8.25 -25.88
C VAL A 34 -3.30 -8.11 -27.09
N GLU A 35 -3.67 -9.27 -27.66
CA GLU A 35 -4.71 -9.27 -28.69
C GLU A 35 -6.05 -9.66 -28.06
N VAL A 36 -7.05 -8.83 -28.29
CA VAL A 36 -8.29 -8.85 -27.54
C VAL A 36 -9.46 -9.39 -28.35
N THR A 37 -9.18 -9.84 -29.56
CA THR A 37 -10.29 -10.27 -30.44
C THR A 37 -10.60 -11.75 -30.19
N SER A 38 -11.59 -12.02 -29.35
CA SER A 38 -12.09 -13.37 -29.14
C SER A 38 -13.60 -13.31 -29.32
N ASN A 39 -14.19 -14.34 -29.89
CA ASN A 39 -15.67 -14.40 -30.01
C ASN A 39 -16.32 -14.74 -28.66
N ASP A 40 -15.55 -15.20 -27.67
CA ASP A 40 -16.15 -15.47 -26.39
C ASP A 40 -16.75 -14.19 -25.79
N ALA A 41 -17.91 -14.33 -25.16
CA ALA A 41 -18.60 -13.15 -24.62
C ALA A 41 -17.86 -12.55 -23.43
N VAL A 42 -17.07 -13.36 -22.72
CA VAL A 42 -16.23 -12.92 -21.62
C VAL A 42 -14.80 -13.33 -21.97
N ARG A 43 -13.82 -12.50 -21.63
CA ARG A 43 -12.43 -12.74 -22.00
C ARG A 43 -11.51 -12.67 -20.79
N PHE A 44 -10.72 -13.72 -20.59
CA PHE A 44 -9.79 -13.85 -19.47
C PHE A 44 -8.36 -13.63 -19.97
N TYR A 45 -7.64 -12.69 -19.36
CA TYR A 45 -6.24 -12.45 -19.71
C TYR A 45 -5.34 -12.80 -18.53
N PRO A 46 -4.50 -13.84 -18.62
CA PRO A 46 -3.68 -14.22 -17.46
C PRO A 46 -2.58 -13.21 -17.15
N TRP A 47 -2.25 -13.14 -15.87
CA TRP A 47 -1.28 -12.15 -15.42
C TRP A 47 -0.67 -12.67 -14.12
N THR A 48 0.65 -12.76 -14.10
CA THR A 48 1.36 -13.12 -12.88
C THR A 48 1.74 -11.81 -12.18
N ILE A 49 1.07 -11.53 -11.06
CA ILE A 49 1.49 -10.43 -10.22
C ILE A 49 2.72 -10.86 -9.44
N ASP A 50 3.79 -10.07 -9.55
CA ASP A 50 5.05 -10.41 -8.90
C ASP A 50 5.65 -9.14 -8.28
N ASN A 51 6.02 -9.22 -7.01
CA ASN A 51 6.58 -8.06 -6.32
C ASN A 51 7.49 -8.57 -5.20
N LYS A 52 7.95 -7.66 -4.34
CA LYS A 52 8.85 -8.06 -3.28
C LYS A 52 8.16 -8.92 -2.22
N TYR A 53 6.83 -8.86 -2.12
CA TYR A 53 6.10 -9.64 -1.13
C TYR A 53 5.76 -11.05 -1.59
N TYR A 54 5.25 -11.19 -2.81
CA TYR A 54 4.66 -12.47 -3.20
C TYR A 54 4.63 -12.54 -4.72
N SER A 55 4.25 -13.72 -5.23
CA SER A 55 3.76 -13.88 -6.60
C SER A 55 2.38 -14.51 -6.56
N ALA A 56 1.55 -14.17 -7.56
CA ALA A 56 0.20 -14.72 -7.64
C ALA A 56 -0.25 -14.73 -9.09
N ASP A 57 -0.76 -15.88 -9.56
CA ASP A 57 -1.40 -15.96 -10.87
C ASP A 57 -2.86 -15.57 -10.76
N ILE A 58 -3.27 -14.55 -11.50
CA ILE A 58 -4.66 -14.16 -11.56
C ILE A 58 -5.06 -14.06 -13.02
N ASN A 59 -6.35 -13.83 -13.24
CA ASN A 59 -6.86 -13.45 -14.53
C ASN A 59 -7.45 -12.04 -14.43
N LEU A 60 -7.19 -11.24 -15.45
CA LEU A 60 -7.96 -10.02 -15.68
C LEU A 60 -9.17 -10.43 -16.50
N CYS A 61 -10.35 -10.43 -15.88
CA CYS A 61 -11.55 -11.04 -16.45
C CYS A 61 -12.43 -9.91 -17.00
N VAL A 62 -12.45 -9.78 -18.33
CA VAL A 62 -13.28 -8.74 -18.97
C VAL A 62 -14.69 -9.29 -19.10
N VAL A 63 -15.61 -8.72 -18.34
CA VAL A 63 -17.00 -9.13 -18.31
C VAL A 63 -17.85 -7.94 -18.71
N PRO A 64 -18.27 -7.84 -19.98
CA PRO A 64 -18.85 -6.59 -20.49
C PRO A 64 -20.14 -6.14 -19.80
N ASN A 65 -20.92 -7.04 -19.20
CA ASN A 65 -22.14 -6.62 -18.51
C ASN A 65 -22.51 -7.65 -17.46
N LYS A 66 -23.40 -7.28 -16.56
CA LYS A 66 -23.70 -8.13 -15.39
C LYS A 66 -24.37 -9.45 -15.77
N PHE A 67 -24.98 -9.50 -16.95
CA PHE A 67 -25.72 -10.71 -17.38
C PHE A 67 -24.74 -11.77 -17.88
N LEU A 68 -23.45 -11.46 -17.87
CA LEU A 68 -22.44 -12.44 -18.24
C LEU A 68 -21.70 -12.96 -17.01
N VAL A 69 -22.18 -12.65 -15.80
CA VAL A 69 -21.56 -13.12 -14.58
C VAL A 69 -22.15 -14.48 -14.23
N THR A 70 -21.35 -15.53 -14.46
CA THR A 70 -21.69 -16.88 -14.05
C THR A 70 -21.44 -17.07 -12.57
N ALA A 71 -21.95 -18.18 -12.02
CA ALA A 71 -21.62 -18.53 -10.64
C ALA A 71 -20.11 -18.67 -10.47
N GLU A 72 -19.43 -19.27 -11.45
CA GLU A 72 -17.99 -19.48 -11.34
C GLU A 72 -17.24 -18.17 -11.30
N ILE A 73 -17.61 -17.25 -12.20
CA ILE A 73 -16.97 -15.94 -12.22
C ILE A 73 -17.20 -15.22 -10.90
N ALA A 74 -18.45 -15.20 -10.42
CA ALA A 74 -18.75 -14.47 -9.20
C ALA A 74 -17.90 -14.96 -8.04
N GLU A 75 -17.77 -16.29 -7.91
CA GLU A 75 -17.00 -16.87 -6.81
C GLU A 75 -15.52 -16.52 -6.90
N SER A 76 -15.01 -16.24 -8.09
CA SER A 76 -13.60 -15.96 -8.26
C SER A 76 -13.24 -14.49 -8.13
N VAL A 77 -14.22 -13.58 -8.11
CA VAL A 77 -13.91 -12.15 -8.13
C VAL A 77 -13.25 -11.75 -6.82
N GLN A 78 -12.00 -11.27 -6.90
CA GLN A 78 -11.31 -10.74 -5.72
C GLN A 78 -10.88 -9.29 -5.92
N ALA A 79 -11.17 -8.72 -7.08
CA ALA A 79 -11.01 -7.29 -7.31
C ALA A 79 -11.94 -6.89 -8.43
N PHE A 80 -12.36 -5.63 -8.41
CA PHE A 80 -13.33 -5.09 -9.36
C PHE A 80 -12.80 -3.76 -9.86
N VAL A 81 -12.63 -3.63 -11.17
CA VAL A 81 -12.18 -2.39 -11.81
C VAL A 81 -13.21 -2.00 -12.87
N VAL A 82 -13.81 -0.83 -12.72
CA VAL A 82 -14.91 -0.42 -13.60
C VAL A 82 -14.65 0.99 -14.13
N TYR A 83 -14.66 1.12 -15.45
CA TYR A 83 -14.50 2.41 -16.09
C TYR A 83 -15.85 3.06 -16.27
N PHE A 84 -15.90 4.37 -16.03
CA PHE A 84 -17.08 5.17 -16.31
C PHE A 84 -16.68 6.44 -17.05
N ASP A 85 -17.64 7.00 -17.78
CA ASP A 85 -17.44 8.21 -18.57
C ASP A 85 -17.78 9.43 -17.69
N SER A 86 -16.75 10.06 -17.13
CA SER A 86 -16.97 11.20 -16.24
C SER A 86 -17.35 12.46 -17.00
N THR A 87 -17.30 12.47 -18.34
CA THR A 87 -17.77 13.62 -19.09
C THR A 87 -19.30 13.66 -19.17
N GLN A 88 -19.98 12.56 -18.85
CA GLN A 88 -21.44 12.50 -18.89
C GLN A 88 -22.01 12.74 -17.50
N LYS A 89 -23.06 13.58 -17.44
CA LYS A 89 -23.73 13.82 -16.17
C LYS A 89 -24.34 12.53 -15.61
N SER A 90 -24.70 11.58 -16.48
CA SER A 90 -25.22 10.29 -16.07
C SER A 90 -24.12 9.27 -15.82
N GLY A 91 -22.86 9.73 -15.75
CA GLY A 91 -21.72 8.82 -15.70
C GLY A 91 -21.75 7.88 -14.50
N LEU A 92 -22.11 8.39 -13.32
CA LEU A 92 -22.14 7.52 -12.15
C LEU A 92 -23.38 6.64 -12.15
N ASP A 93 -24.52 7.18 -12.61
CA ASP A 93 -25.73 6.36 -12.74
C ASP A 93 -25.48 5.13 -13.60
N SER A 94 -24.56 5.24 -14.58
CA SER A 94 -24.34 4.11 -15.50
C SER A 94 -23.66 2.92 -14.82
N VAL A 95 -23.04 3.13 -13.66
CA VAL A 95 -22.44 2.05 -12.86
C VAL A 95 -23.45 1.33 -11.98
N SER A 96 -24.67 1.87 -11.84
CA SER A 96 -25.56 1.43 -10.76
C SER A 96 -25.87 -0.05 -10.85
N SER A 97 -25.96 -0.60 -12.06
CA SER A 97 -26.34 -2.00 -12.20
C SER A 97 -25.31 -2.95 -11.61
N TRP A 98 -24.07 -2.51 -11.44
CA TRP A 98 -23.05 -3.38 -10.85
C TRP A 98 -23.07 -3.38 -9.33
N LEU A 99 -23.77 -2.44 -8.69
CA LEU A 99 -23.59 -2.32 -7.25
C LEU A 99 -24.11 -3.53 -6.47
N PRO A 100 -25.26 -4.12 -6.82
CA PRO A 100 -25.68 -5.31 -6.05
C PRO A 100 -24.67 -6.43 -6.12
N LEU A 101 -24.03 -6.60 -7.28
CA LEU A 101 -23.03 -7.65 -7.44
C LEU A 101 -21.78 -7.33 -6.62
N ALA A 102 -21.32 -6.06 -6.67
CA ALA A 102 -20.17 -5.64 -5.87
C ALA A 102 -20.42 -5.85 -4.37
N LYS A 103 -21.66 -5.60 -3.91
CA LYS A 103 -21.99 -5.88 -2.51
C LYS A 103 -21.90 -7.36 -2.21
N ALA A 104 -22.29 -8.21 -3.15
CA ALA A 104 -22.25 -9.66 -2.94
C ALA A 104 -20.81 -10.17 -2.98
N TRP A 105 -20.04 -9.76 -3.99
CA TRP A 105 -18.66 -10.22 -4.14
C TRP A 105 -17.81 -9.83 -2.94
N LEU A 106 -18.02 -8.63 -2.43
CA LEU A 106 -17.17 -8.05 -1.40
C LEU A 106 -15.68 -8.17 -1.76
N PRO A 107 -15.25 -7.61 -2.89
CA PRO A 107 -13.83 -7.65 -3.23
C PRO A 107 -13.03 -6.67 -2.38
N GLU A 108 -11.78 -7.05 -2.06
CA GLU A 108 -10.97 -6.17 -1.17
C GLU A 108 -10.38 -4.97 -1.96
N VAL A 109 -10.37 -5.00 -3.31
CA VAL A 109 -9.96 -3.87 -4.15
C VAL A 109 -11.10 -3.57 -5.10
N MET A 110 -11.62 -2.35 -5.05
CA MET A 110 -12.67 -1.91 -5.96
C MET A 110 -12.27 -0.53 -6.45
N ILE A 111 -12.10 -0.41 -7.75
CA ILE A 111 -11.57 0.81 -8.35
C ILE A 111 -12.56 1.34 -9.37
N LEU A 112 -12.89 2.61 -9.22
CA LEU A 112 -13.69 3.35 -10.18
C LEU A 112 -12.73 4.19 -11.02
N VAL A 113 -12.76 4.00 -12.34
CA VAL A 113 -11.76 4.58 -13.23
C VAL A 113 -12.44 5.52 -14.21
N CYS A 114 -11.92 6.74 -14.35
CA CYS A 114 -12.27 7.61 -15.47
C CYS A 114 -10.99 8.16 -16.08
N ASP A 115 -11.13 8.91 -17.19
CA ASP A 115 -9.96 9.57 -17.73
C ASP A 115 -9.59 10.81 -16.93
N ARG A 116 -10.56 11.68 -16.68
CA ARG A 116 -10.31 12.89 -15.91
C ARG A 116 -11.63 13.40 -15.37
N VAL A 117 -11.65 13.81 -14.09
CA VAL A 117 -12.89 14.36 -13.55
C VAL A 117 -13.25 15.60 -14.35
N SER A 118 -14.55 15.93 -14.37
CA SER A 118 -15.04 16.96 -15.27
C SER A 118 -16.11 17.81 -14.61
N GLU A 119 -16.00 19.13 -14.73
CA GLU A 119 -16.97 19.96 -14.04
C GLU A 119 -18.34 19.96 -14.72
N ASP A 120 -18.45 19.78 -16.04
CA ASP A 120 -19.80 19.57 -16.60
C ASP A 120 -20.22 18.12 -16.65
N GLY A 121 -19.44 17.21 -16.08
CA GLY A 121 -19.90 15.84 -16.03
C GLY A 121 -19.94 15.42 -14.58
N ILE A 122 -19.07 14.49 -14.21
CA ILE A 122 -18.90 14.08 -12.83
C ILE A 122 -17.61 14.72 -12.33
N ASN A 123 -17.72 15.65 -11.38
CA ASN A 123 -16.53 16.32 -10.86
C ASN A 123 -15.91 15.49 -9.74
N ARG A 124 -14.77 15.97 -9.21
CA ARG A 124 -14.05 15.17 -8.22
C ARG A 124 -14.90 14.94 -6.97
N GLN A 125 -15.56 15.99 -6.46
CA GLN A 125 -16.37 15.87 -5.25
C GLN A 125 -17.44 14.80 -5.39
N LYS A 126 -18.25 14.85 -6.47
CA LYS A 126 -19.32 13.87 -6.64
C LYS A 126 -18.78 12.46 -6.86
N ALA A 127 -17.68 12.32 -7.62
CA ALA A 127 -17.08 11.00 -7.74
C ALA A 127 -16.61 10.47 -6.39
N GLN A 128 -16.02 11.35 -5.57
CA GLN A 128 -15.49 10.92 -4.28
C GLN A 128 -16.60 10.53 -3.31
N GLU A 129 -17.71 11.26 -3.31
CA GLU A 129 -18.84 10.91 -2.44
C GLU A 129 -19.41 9.56 -2.81
N TRP A 130 -19.57 9.32 -4.11
CA TRP A 130 -20.01 8.00 -4.57
C TRP A 130 -19.07 6.92 -4.11
N CYS A 131 -17.76 7.16 -4.20
CA CYS A 131 -16.78 6.15 -3.82
C CYS A 131 -16.84 5.87 -2.32
N ILE A 132 -17.05 6.89 -1.50
CA ILE A 132 -17.20 6.68 -0.05
C ILE A 132 -18.40 5.79 0.21
N LYS A 133 -19.54 6.14 -0.39
CA LYS A 133 -20.79 5.43 -0.12
C LYS A 133 -20.71 3.96 -0.54
N HIS A 134 -20.00 3.69 -1.65
CA HIS A 134 -20.00 2.31 -2.21
C HIS A 134 -18.69 1.56 -1.99
N GLY A 135 -17.69 2.19 -1.39
CA GLY A 135 -16.47 1.49 -1.04
C GLY A 135 -15.44 1.37 -2.15
N PHE A 136 -15.41 2.30 -3.09
CA PHE A 136 -14.48 2.29 -4.21
C PHE A 136 -13.35 3.30 -4.00
N GLU A 137 -12.28 3.13 -4.76
CA GLU A 137 -11.21 4.12 -4.88
C GLU A 137 -11.30 4.80 -6.24
N LEU A 138 -11.26 6.13 -6.26
CA LEU A 138 -11.31 6.86 -7.52
C LEU A 138 -9.93 6.97 -8.17
N VAL A 139 -9.84 6.59 -9.45
CA VAL A 139 -8.59 6.67 -10.21
C VAL A 139 -8.86 7.43 -11.52
N GLU A 140 -7.95 8.32 -11.87
CA GLU A 140 -7.98 9.05 -13.14
C GLU A 140 -6.84 8.56 -14.01
N LEU A 141 -7.17 8.13 -15.22
CA LEU A 141 -6.13 7.66 -16.13
C LEU A 141 -5.25 8.81 -16.62
N SER A 142 -5.82 10.00 -16.78
CA SER A 142 -5.11 11.17 -17.32
C SER A 142 -5.36 12.39 -16.46
N PRO A 143 -4.86 12.41 -15.23
CA PRO A 143 -5.18 13.52 -14.32
C PRO A 143 -4.55 14.80 -14.83
N LYS A 144 -5.22 15.91 -14.56
CA LYS A 144 -4.60 17.21 -14.79
C LYS A 144 -3.36 17.34 -13.90
N SER A 156 0.72 7.66 -6.36
CA SER A 156 0.66 7.34 -7.78
C SER A 156 -0.76 7.58 -8.28
N THR A 157 -0.89 7.64 -9.60
CA THR A 157 -2.14 7.93 -10.27
C THR A 157 -2.27 7.01 -11.49
N GLY A 158 -3.43 7.05 -12.13
CA GLY A 158 -3.56 6.43 -13.43
C GLY A 158 -3.43 4.91 -13.38
N VAL A 159 -2.95 4.35 -14.49
CA VAL A 159 -2.89 2.89 -14.60
C VAL A 159 -1.83 2.36 -13.65
N LYS A 160 -0.80 3.15 -13.37
CA LYS A 160 0.19 2.74 -12.38
C LYS A 160 -0.45 2.57 -11.00
N ARG A 161 -1.38 3.46 -10.63
CA ARG A 161 -2.09 3.28 -9.37
C ARG A 161 -2.96 2.05 -9.39
N ILE A 162 -3.59 1.72 -10.53
CA ILE A 162 -4.37 0.48 -10.58
C ILE A 162 -3.46 -0.71 -10.32
N VAL A 163 -2.30 -0.73 -10.96
CA VAL A 163 -1.37 -1.84 -10.79
C VAL A 163 -0.87 -1.90 -9.34
N GLN A 164 -0.51 -0.75 -8.78
CA GLN A 164 -0.16 -0.66 -7.35
C GLN A 164 -1.23 -1.26 -6.45
N ALA A 165 -2.49 -0.84 -6.65
CA ALA A 165 -3.56 -1.31 -5.78
C ALA A 165 -3.75 -2.81 -5.89
N LEU A 166 -3.64 -3.34 -7.12
CA LEU A 166 -3.76 -4.79 -7.32
C LEU A 166 -2.57 -5.54 -6.72
N ASN A 167 -1.38 -4.92 -6.72
CA ASN A 167 -0.22 -5.53 -6.07
C ASN A 167 -0.33 -5.48 -4.54
N ALA A 168 -1.15 -4.60 -3.98
CA ALA A 168 -1.36 -4.54 -2.53
C ALA A 168 -2.54 -5.37 -2.08
N ASN A 169 -3.14 -6.15 -2.97
CA ASN A 169 -4.24 -7.03 -2.63
C ASN A 169 -3.69 -8.38 -2.18
N VAL A 170 -4.32 -8.97 -1.16
CA VAL A 170 -3.95 -10.31 -0.69
C VAL A 170 -4.85 -11.30 -1.40
N TRP A 171 -4.41 -11.71 -2.59
CA TRP A 171 -5.10 -12.75 -3.34
C TRP A 171 -5.15 -14.05 -2.55
N SER A 172 -6.16 -14.87 -2.85
CA SER A 172 -6.33 -16.12 -2.13
C SER A 172 -5.22 -17.12 -2.43
N ASN A 173 -4.43 -16.89 -3.49
CA ASN A 173 -3.40 -17.84 -3.89
C ASN A 173 -2.01 -17.22 -3.90
N VAL A 174 -1.77 -16.18 -3.08
CA VAL A 174 -0.43 -15.60 -3.05
C VAL A 174 0.57 -16.65 -2.59
N VAL A 175 1.78 -16.57 -3.12
CA VAL A 175 2.89 -17.40 -2.71
C VAL A 175 3.91 -16.43 -2.15
N MET A 176 4.12 -16.48 -0.84
CA MET A 176 4.89 -15.41 -0.21
C MET A 176 6.37 -15.62 -0.47
N LYS A 177 7.11 -14.52 -0.54
CA LYS A 177 8.54 -14.65 -0.71
C LYS A 177 9.28 -14.60 0.62
N GLY B 4 14.86 20.77 5.42
CA GLY B 4 15.22 20.54 6.81
C GLY B 4 15.99 19.24 7.00
N VAL B 5 16.50 19.00 8.20
CA VAL B 5 17.22 17.74 8.45
C VAL B 5 16.22 16.59 8.43
N PRO B 6 16.48 15.52 7.69
CA PRO B 6 15.53 14.40 7.64
C PRO B 6 15.36 13.74 9.01
N CYS B 7 14.13 13.28 9.25
CA CYS B 7 13.82 12.33 10.34
C CYS B 7 13.67 10.92 9.82
N ALA B 8 14.30 9.98 10.50
CA ALA B 8 13.81 8.60 10.52
C ALA B 8 12.96 8.49 11.78
N LEU B 9 11.65 8.44 11.62
CA LEU B 9 10.76 8.47 12.78
C LEU B 9 10.67 7.06 13.33
N VAL B 10 11.11 6.89 14.57
CA VAL B 10 11.10 5.58 15.23
C VAL B 10 10.10 5.64 16.37
N THR B 11 9.21 4.65 16.45
CA THR B 11 8.22 4.66 17.51
C THR B 11 7.86 3.22 17.89
N SER B 12 7.00 3.09 18.88
CA SER B 12 6.58 1.77 19.31
C SER B 12 5.14 1.85 19.80
N CYS B 13 4.40 0.78 19.53
CA CYS B 13 3.04 0.64 20.00
C CYS B 13 2.94 -0.29 21.20
N SER B 14 4.06 -0.67 21.81
CA SER B 14 4.08 -1.58 22.96
C SER B 14 5.11 -1.13 23.99
N SER B 15 4.73 -1.17 25.27
CA SER B 15 5.71 -0.87 26.31
C SER B 15 6.78 -1.95 26.46
N VAL B 16 6.65 -3.07 25.75
CA VAL B 16 7.67 -4.11 25.81
C VAL B 16 9.00 -3.60 25.29
N PHE B 17 8.96 -2.70 24.31
CA PHE B 17 10.21 -2.23 23.64
C PHE B 17 9.92 -0.87 23.04
N SER B 18 10.56 0.16 23.57
CA SER B 18 10.26 1.55 23.23
C SER B 18 11.06 2.00 22.02
N GLY B 19 10.60 3.11 21.41
CA GLY B 19 11.35 3.71 20.33
C GLY B 19 12.79 4.02 20.72
N ASP B 20 13.00 4.49 21.96
CA ASP B 20 14.35 4.81 22.41
C ASP B 20 15.24 3.58 22.48
N GLN B 21 14.72 2.48 23.02
CA GLN B 21 15.47 1.24 22.98
C GLN B 21 15.76 0.81 21.55
N LEU B 22 14.78 0.94 20.66
CA LEU B 22 15.01 0.60 19.26
C LEU B 22 16.17 1.40 18.68
N VAL B 23 16.22 2.71 18.99
CA VAL B 23 17.35 3.53 18.52
C VAL B 23 18.67 3.06 19.13
N GLN B 24 18.69 2.74 20.43
CA GLN B 24 19.92 2.22 21.03
C GLN B 24 20.40 0.97 20.30
N HIS B 25 19.48 0.12 19.87
CA HIS B 25 19.88 -1.09 19.18
C HIS B 25 20.33 -0.78 17.75
N ILE B 26 19.63 0.13 17.07
CA ILE B 26 20.00 0.50 15.70
C ILE B 26 21.40 1.09 15.66
N LEU B 27 21.71 1.96 16.62
CA LEU B 27 22.99 2.66 16.65
C LEU B 27 24.06 1.88 17.40
N GLY B 28 23.70 0.77 18.02
CA GLY B 28 24.68 -0.12 18.60
C GLY B 28 25.28 0.33 19.90
N THR B 29 24.69 1.31 20.59
CA THR B 29 25.23 1.77 21.86
C THR B 29 24.14 2.48 22.65
N GLU B 30 24.33 2.53 23.96
CA GLU B 30 23.47 3.33 24.82
C GLU B 30 24.04 4.72 25.08
N ASP B 31 25.29 4.97 24.67
CA ASP B 31 25.94 6.24 24.94
C ASP B 31 25.71 7.15 23.74
N LEU B 32 24.56 7.82 23.73
CA LEU B 32 24.11 8.56 22.56
C LEU B 32 23.86 10.02 22.91
N ILE B 33 24.24 10.91 21.99
CA ILE B 33 23.81 12.31 22.09
C ILE B 33 22.32 12.36 21.80
N VAL B 34 21.57 13.04 22.65
CA VAL B 34 20.10 13.11 22.42
C VAL B 34 19.54 14.46 22.87
N GLU B 35 18.76 15.08 22.01
CA GLU B 35 18.10 16.35 22.33
C GLU B 35 16.66 16.08 22.71
N VAL B 36 16.29 16.55 23.90
CA VAL B 36 14.93 16.30 24.44
C VAL B 36 14.19 17.60 24.68
N THR B 37 12.90 17.59 24.38
CA THR B 37 12.04 18.77 24.56
C THR B 37 11.65 19.01 26.01
N SER B 38 11.16 20.20 26.28
CA SER B 38 10.74 20.59 27.63
C SER B 38 9.80 19.55 28.28
N ASN B 39 9.06 18.76 27.49
CA ASN B 39 8.10 17.83 28.09
C ASN B 39 8.68 16.41 28.14
N ASP B 40 10.00 16.26 27.90
CA ASP B 40 10.64 14.93 27.92
C ASP B 40 9.82 13.94 27.06
N ALA B 41 9.26 14.40 25.93
CA ALA B 41 8.52 13.50 25.01
C ALA B 41 9.29 13.23 23.70
N VAL B 42 9.31 14.12 22.71
CA VAL B 42 10.04 13.77 21.45
C VAL B 42 11.56 13.82 21.66
N ARG B 43 12.23 12.71 21.34
CA ARG B 43 13.72 12.65 21.43
C ARG B 43 14.32 12.70 20.03
N PHE B 44 15.31 13.57 19.80
CA PHE B 44 16.04 13.63 18.53
C PHE B 44 17.47 13.12 18.75
N TYR B 45 17.82 12.06 18.04
CA TYR B 45 19.16 11.46 18.14
C TYR B 45 19.89 11.78 16.85
N PRO B 46 20.92 12.62 16.84
CA PRO B 46 21.66 12.86 15.59
C PRO B 46 22.42 11.61 15.16
N TRP B 47 22.55 11.42 13.84
CA TRP B 47 23.23 10.24 13.32
C TRP B 47 23.80 10.60 11.95
N THR B 48 25.09 10.38 11.79
CA THR B 48 25.77 10.60 10.49
C THR B 48 25.91 9.27 9.76
N ILE B 49 25.09 9.06 8.75
CA ILE B 49 25.19 7.85 7.91
C ILE B 49 26.37 8.05 6.95
N ASP B 50 27.23 7.05 6.83
CA ASP B 50 28.40 7.14 5.93
C ASP B 50 28.56 5.78 5.27
N ASN B 51 28.53 5.76 3.95
CA ASN B 51 28.72 4.49 3.21
C ASN B 51 29.45 4.78 1.90
N LYS B 52 29.64 3.75 1.08
CA LYS B 52 30.33 3.90 -0.23
C LYS B 52 29.64 4.90 -1.15
N TYR B 53 28.34 5.13 -0.98
CA TYR B 53 27.59 6.02 -1.89
C TYR B 53 27.53 7.46 -1.38
N TYR B 54 27.33 7.62 -0.08
CA TYR B 54 27.13 8.98 0.45
C TYR B 54 27.38 9.13 1.95
N SER B 55 27.29 10.37 2.39
CA SER B 55 27.33 10.69 3.82
C SER B 55 26.12 11.60 4.05
N ALA B 56 25.42 11.42 5.17
CA ALA B 56 24.24 12.24 5.44
C ALA B 56 24.07 12.33 6.96
N ASP B 57 23.91 13.52 7.48
CA ASP B 57 23.69 13.70 8.90
C ASP B 57 22.18 13.87 9.09
N ILE B 58 21.52 12.84 9.64
CA ILE B 58 20.08 12.88 9.85
C ILE B 58 19.78 12.81 11.34
N ASN B 59 18.50 12.87 11.71
CA ASN B 59 18.04 12.60 13.05
C ASN B 59 17.19 11.33 13.06
N LEU B 60 17.39 10.51 14.08
CA LEU B 60 16.42 9.49 14.46
C LEU B 60 15.48 10.14 15.45
N CYS B 61 14.19 10.22 15.11
CA CYS B 61 13.22 11.00 15.87
C CYS B 61 12.26 10.04 16.55
N VAL B 62 12.37 9.91 17.87
CA VAL B 62 11.48 9.05 18.63
C VAL B 62 10.27 9.88 19.03
N VAL B 63 9.13 9.56 18.43
CA VAL B 63 7.87 10.27 18.59
C VAL B 63 6.88 9.29 19.22
N PRO B 64 6.56 9.40 20.53
CA PRO B 64 5.76 8.37 21.18
C PRO B 64 4.33 8.15 20.72
N ASN B 65 3.71 9.19 20.20
CA ASN B 65 2.31 9.13 19.73
C ASN B 65 2.12 10.12 18.59
N LYS B 66 1.05 9.95 17.83
CA LYS B 66 0.81 10.78 16.62
C LYS B 66 0.51 12.24 16.94
N PHE B 67 0.06 12.52 18.16
CA PHE B 67 -0.27 13.92 18.56
C PHE B 67 0.99 14.80 18.56
N LEU B 68 2.15 14.18 18.70
CA LEU B 68 3.40 14.97 18.83
C LEU B 68 4.07 15.19 17.47
N VAL B 69 3.37 14.87 16.40
CA VAL B 69 3.97 15.08 15.08
C VAL B 69 3.64 16.51 14.66
N THR B 70 4.56 17.41 14.96
CA THR B 70 4.44 18.80 14.54
C THR B 70 4.57 18.90 13.02
N ALA B 71 4.23 20.08 12.50
CA ALA B 71 4.39 20.33 11.07
C ALA B 71 5.84 20.11 10.65
N GLU B 72 6.79 20.54 11.47
CA GLU B 72 8.19 20.37 11.12
C GLU B 72 8.59 18.91 11.11
N ILE B 73 8.16 18.14 12.10
CA ILE B 73 8.46 16.70 12.08
C ILE B 73 7.81 16.04 10.88
N ALA B 74 6.51 16.26 10.70
CA ALA B 74 5.81 15.67 9.56
C ALA B 74 6.54 15.94 8.27
N GLU B 75 6.97 17.20 8.04
CA GLU B 75 7.67 17.56 6.78
C GLU B 75 8.93 16.71 6.60
N SER B 76 9.66 16.45 7.67
CA SER B 76 11.01 15.86 7.63
C SER B 76 11.03 14.34 7.56
N VAL B 77 9.89 13.66 7.79
CA VAL B 77 9.88 12.19 7.89
C VAL B 77 10.21 11.57 6.54
N GLN B 78 11.31 10.82 6.48
CA GLN B 78 11.73 10.13 5.27
C GLN B 78 11.94 8.64 5.50
N ALA B 79 11.66 8.15 6.69
CA ALA B 79 11.61 6.72 6.97
C ALA B 79 10.76 6.56 8.23
N PHE B 80 10.09 5.43 8.35
CA PHE B 80 9.20 5.18 9.47
C PHE B 80 9.43 3.76 9.98
N VAL B 81 9.71 3.63 11.27
CA VAL B 81 10.01 2.34 11.89
C VAL B 81 9.14 2.23 13.13
N VAL B 82 8.31 1.20 13.22
CA VAL B 82 7.36 1.05 14.30
C VAL B 82 7.37 -0.37 14.85
N TYR B 83 7.55 -0.49 16.17
CA TYR B 83 7.55 -1.77 16.88
C TYR B 83 6.14 -2.11 17.31
N PHE B 84 5.80 -3.40 17.24
CA PHE B 84 4.55 -3.91 17.80
C PHE B 84 4.82 -5.20 18.54
N ASP B 85 3.94 -5.51 19.50
CA ASP B 85 4.04 -6.73 20.30
C ASP B 85 3.34 -7.85 19.55
N SER B 86 4.11 -8.74 18.93
CA SER B 86 3.53 -9.83 18.14
C SER B 86 2.97 -10.96 19.00
N THR B 87 3.19 -10.95 20.31
CA THR B 87 2.60 -11.96 21.17
C THR B 87 1.12 -11.71 21.43
N GLN B 88 0.62 -10.50 21.17
CA GLN B 88 -0.77 -10.17 21.38
C GLN B 88 -1.59 -10.27 20.10
N LYS B 89 -2.78 -10.87 20.19
CA LYS B 89 -3.68 -10.94 19.04
C LYS B 89 -4.07 -9.54 18.57
N SER B 90 -4.11 -8.58 19.48
CA SER B 90 -4.38 -7.19 19.14
C SER B 90 -3.14 -6.43 18.70
N GLY B 91 -2.03 -7.13 18.43
CA GLY B 91 -0.77 -6.44 18.18
C GLY B 91 -0.80 -5.50 16.99
N LEU B 92 -1.43 -5.93 15.88
CA LEU B 92 -1.46 -5.06 14.69
C LEU B 92 -2.47 -3.93 14.85
N ASP B 93 -3.59 -4.16 15.56
CA ASP B 93 -4.55 -3.09 15.83
C ASP B 93 -3.89 -1.90 16.50
N SER B 94 -2.89 -2.16 17.36
CA SER B 94 -2.20 -1.10 18.07
C SER B 94 -1.47 -0.13 17.14
N VAL B 95 -1.22 -0.53 15.88
CA VAL B 95 -0.52 0.34 14.93
C VAL B 95 -1.45 1.24 14.14
N SER B 96 -2.76 1.00 14.19
CA SER B 96 -3.70 1.69 13.29
C SER B 96 -3.59 3.20 13.39
N SER B 97 -3.34 3.71 14.60
CA SER B 97 -3.24 5.14 14.83
C SER B 97 -2.27 5.82 13.85
N TRP B 98 -1.21 5.13 13.48
CA TRP B 98 -0.17 5.71 12.64
C TRP B 98 -0.44 5.63 11.13
N LEU B 99 -1.47 4.89 10.70
CA LEU B 99 -1.64 4.66 9.26
C LEU B 99 -1.94 5.94 8.49
N PRO B 100 -2.84 6.83 8.92
CA PRO B 100 -3.07 8.07 8.15
C PRO B 100 -1.80 8.88 7.95
N LEU B 101 -0.97 8.99 8.99
CA LEU B 101 0.25 9.78 8.88
C LEU B 101 1.26 9.10 7.94
N ALA B 102 1.43 7.78 8.08
CA ALA B 102 2.38 7.08 7.22
C ALA B 102 1.94 7.16 5.77
N LYS B 103 0.63 7.11 5.54
CA LYS B 103 0.09 7.31 4.20
C LYS B 103 0.40 8.71 3.69
N ALA B 104 0.25 9.71 4.56
CA ALA B 104 0.47 11.10 4.17
C ALA B 104 1.95 11.41 3.97
N TRP B 105 2.90 10.74 4.69
CA TRP B 105 4.35 11.15 4.57
C TRP B 105 5.01 10.60 3.30
N LEU B 106 4.56 9.46 2.76
CA LEU B 106 5.20 8.79 1.58
C LEU B 106 6.72 8.44 1.84
N PRO B 107 7.08 7.77 2.97
CA PRO B 107 8.46 7.36 3.20
C PRO B 107 8.79 6.16 2.31
N GLU B 108 10.02 6.11 1.81
CA GLU B 108 10.47 4.93 1.02
C GLU B 108 10.79 3.76 1.96
N VAL B 109 11.11 4.05 3.21
CA VAL B 109 11.40 2.98 4.21
C VAL B 109 10.26 2.98 5.24
N MET B 110 9.49 1.90 5.26
CA MET B 110 8.41 1.75 6.24
C MET B 110 8.52 0.35 6.80
N ILE B 111 8.96 0.25 8.04
CA ILE B 111 9.33 -1.04 8.62
C ILE B 111 8.47 -1.31 9.84
N LEU B 112 7.79 -2.47 9.84
CA LEU B 112 7.08 -2.97 10.99
C LEU B 112 7.97 -3.99 11.71
N VAL B 113 8.28 -3.72 12.99
CA VAL B 113 9.28 -4.49 13.73
C VAL B 113 8.60 -5.24 14.86
N CYS B 114 8.96 -6.51 15.02
CA CYS B 114 8.64 -7.23 16.25
C CYS B 114 9.87 -8.00 16.69
N ASP B 115 9.80 -8.63 17.86
CA ASP B 115 10.88 -9.53 18.25
C ASP B 115 10.86 -10.79 17.40
N ARG B 116 9.72 -11.48 17.37
CA ARG B 116 9.54 -12.60 16.45
C ARG B 116 8.05 -12.88 16.35
N VAL B 117 7.62 -13.37 15.17
CA VAL B 117 6.21 -13.68 14.98
C VAL B 117 5.82 -14.81 15.93
N SER B 118 4.54 -14.88 16.28
CA SER B 118 4.06 -15.84 17.29
C SER B 118 2.75 -16.46 16.86
N GLU B 119 2.66 -17.78 16.92
CA GLU B 119 1.44 -18.46 16.44
C GLU B 119 0.28 -18.19 17.40
N ASP B 120 0.57 -17.73 18.60
CA ASP B 120 -0.49 -17.45 19.59
C ASP B 120 -0.82 -15.95 19.57
N GLY B 121 -0.14 -15.17 18.72
CA GLY B 121 -0.49 -13.76 18.57
C GLY B 121 -0.61 -13.40 17.10
N ILE B 122 0.31 -12.59 16.60
CA ILE B 122 0.38 -12.25 15.18
C ILE B 122 1.42 -13.17 14.55
N ASN B 123 0.99 -14.09 13.69
CA ASN B 123 1.92 -15.04 13.10
C ASN B 123 2.46 -14.48 11.80
N ARG B 124 3.34 -15.23 11.12
CA ARG B 124 3.99 -14.69 9.94
C ARG B 124 2.99 -14.31 8.86
N GLN B 125 2.03 -15.19 8.57
CA GLN B 125 1.06 -14.93 7.50
C GLN B 125 0.34 -13.61 7.73
N LYS B 126 -0.21 -13.45 8.93
CA LYS B 126 -1.02 -12.26 9.24
C LYS B 126 -0.16 -11.00 9.25
N ALA B 127 1.06 -11.09 9.75
CA ALA B 127 1.94 -9.92 9.70
C ALA B 127 2.25 -9.54 8.26
N GLN B 128 2.56 -10.54 7.43
CA GLN B 128 2.87 -10.29 6.03
C GLN B 128 1.66 -9.73 5.27
N GLU B 129 0.45 -10.25 5.56
CA GLU B 129 -0.73 -9.70 4.90
C GLU B 129 -0.95 -8.24 5.28
N TRP B 130 -0.73 -7.89 6.55
CA TRP B 130 -0.84 -6.49 6.94
C TRP B 130 0.21 -5.65 6.23
N CYS B 131 1.45 -6.15 6.11
CA CYS B 131 2.49 -5.36 5.47
C CYS B 131 2.17 -5.15 3.99
N ILE B 132 1.64 -6.18 3.32
CA ILE B 132 1.24 -6.03 1.92
C ILE B 132 0.20 -4.93 1.77
N LYS B 133 -0.84 -4.96 2.61
CA LYS B 133 -1.93 -4.01 2.45
C LYS B 133 -1.51 -2.58 2.75
N HIS B 134 -0.59 -2.36 3.70
CA HIS B 134 -0.21 -0.99 4.04
C HIS B 134 1.18 -0.58 3.57
N GLY B 135 1.90 -1.44 2.85
CA GLY B 135 3.16 -1.05 2.25
C GLY B 135 4.35 -1.02 3.19
N PHE B 136 4.37 -1.89 4.20
CA PHE B 136 5.47 -1.97 5.16
C PHE B 136 6.33 -3.20 4.83
N GLU B 137 7.48 -3.24 5.47
CA GLU B 137 8.34 -4.42 5.45
C GLU B 137 8.42 -5.03 6.84
N LEU B 138 8.19 -6.34 6.94
CA LEU B 138 8.23 -7.02 8.24
C LEU B 138 9.67 -7.32 8.64
N VAL B 139 10.06 -6.90 9.84
CA VAL B 139 11.38 -7.20 10.38
C VAL B 139 11.23 -7.84 11.77
N GLU B 140 11.96 -8.93 12.00
CA GLU B 140 12.08 -9.62 13.29
C GLU B 140 13.45 -9.35 13.89
N LEU B 141 13.47 -8.78 15.09
CA LEU B 141 14.75 -8.55 15.74
C LEU B 141 15.43 -9.85 16.14
N SER B 142 14.65 -10.87 16.50
CA SER B 142 15.14 -12.12 17.09
C SER B 142 14.48 -13.31 16.39
N PRO B 143 14.75 -13.53 15.11
CA PRO B 143 14.04 -14.61 14.40
C PRO B 143 14.52 -15.98 14.81
N LYS B 144 13.63 -16.97 14.65
CA LYS B 144 13.96 -18.36 14.98
C LYS B 144 15.04 -18.91 14.05
N GLU B 145 14.98 -18.56 12.77
CA GLU B 145 15.84 -19.16 11.75
C GLU B 145 17.25 -18.60 11.88
N SER B 156 19.63 -9.94 5.09
CA SER B 156 19.71 -9.41 6.44
C SER B 156 18.37 -9.52 7.18
N THR B 157 18.46 -9.65 8.50
CA THR B 157 17.31 -9.71 9.37
C THR B 157 17.54 -8.73 10.50
N GLY B 158 16.48 -8.49 11.27
CA GLY B 158 16.67 -7.79 12.52
C GLY B 158 17.23 -6.40 12.36
N VAL B 159 17.98 -5.97 13.37
CA VAL B 159 18.48 -4.61 13.36
C VAL B 159 19.46 -4.40 12.21
N LYS B 160 20.19 -5.43 11.81
CA LYS B 160 21.08 -5.30 10.67
C LYS B 160 20.31 -4.94 9.40
N ARG B 161 19.11 -5.50 9.23
CA ARG B 161 18.31 -5.15 8.06
C ARG B 161 17.78 -3.72 8.13
N ILE B 162 17.39 -3.27 9.32
CA ILE B 162 16.94 -1.88 9.47
C ILE B 162 18.06 -0.92 9.05
N VAL B 163 19.27 -1.18 9.55
CA VAL B 163 20.41 -0.34 9.21
C VAL B 163 20.69 -0.41 7.71
N GLN B 164 20.56 -1.59 7.12
CA GLN B 164 20.75 -1.71 5.67
C GLN B 164 19.74 -0.87 4.91
N ALA B 165 18.46 -0.98 5.29
CA ALA B 165 17.42 -0.20 4.61
C ALA B 165 17.68 1.29 4.76
N LEU B 166 18.09 1.72 5.94
CA LEU B 166 18.33 3.14 6.13
C LEU B 166 19.52 3.62 5.32
N ASN B 167 20.53 2.77 5.14
CA ASN B 167 21.68 3.15 4.32
C ASN B 167 21.35 3.14 2.83
N ALA B 168 20.29 2.45 2.42
CA ALA B 168 19.89 2.41 1.01
C ALA B 168 18.82 3.45 0.68
N ASN B 169 18.44 4.28 1.64
CA ASN B 169 17.45 5.32 1.47
C ASN B 169 18.13 6.55 0.89
N VAL B 170 17.48 7.20 -0.07
CA VAL B 170 17.98 8.46 -0.64
C VAL B 170 17.39 9.60 0.20
N TRP B 171 18.09 9.96 1.26
CA TRP B 171 17.73 11.09 2.10
C TRP B 171 17.79 12.37 1.29
N SER B 172 17.04 13.38 1.73
CA SER B 172 16.97 14.60 0.94
C SER B 172 18.26 15.41 1.03
N ASN B 173 19.18 15.04 1.94
CA ASN B 173 20.41 15.78 2.15
C ASN B 173 21.67 14.95 1.91
N VAL B 174 21.61 13.88 1.10
CA VAL B 174 22.81 13.05 0.93
C VAL B 174 23.92 13.88 0.26
N VAL B 175 25.15 13.63 0.67
CA VAL B 175 26.33 14.19 0.02
C VAL B 175 26.99 13.03 -0.71
N MET B 176 26.83 12.99 -2.04
CA MET B 176 27.40 11.89 -2.81
C MET B 176 28.92 11.85 -2.69
N LYS B 177 29.45 10.63 -2.65
CA LYS B 177 30.89 10.44 -2.70
C LYS B 177 31.39 10.39 -4.15
#